data_3U4X
#
_entry.id   3U4X
#
_cell.length_a   65.940
_cell.length_b   66.780
_cell.length_c   107.700
_cell.angle_alpha   90.000
_cell.angle_beta   90.000
_cell.angle_gamma   90.000
#
_symmetry.space_group_name_H-M   'I 2 2 2'
#
loop_
_entity.id
_entity.type
_entity.pdbx_description
1 polymer 'Camptosema pedicellatum lectin (CPL)'
2 non-polymer 'CALCIUM ION'
3 non-polymer 'MANGANESE (II) ION'
4 non-polymer '5-bromo-4-chloro-1H-indol-3-yl alpha-D-mannopyranoside'
5 water water
#
_entity_poly.entity_id   1
_entity_poly.type   'polypeptide(L)'
_entity_poly.pdbx_seq_one_letter_code
;ADTIVAVELDTYPNTDIGDPNYQHIGINIKSIRSKATTRWNVQDGKVGTAHISYNSVAKRLSAIVSYPGGSSATVSYDVD
LNNILPEWVRVGLSASTGVYKETNTILSWSFTSKLKTNSTADAQSLHFTFNQFSQSPKDLILQGDASTDSDGNLQLTRVS
NGSPQSNSVGRALYYAPVHVWDKSAVVASFDATFTFLIKSPDSDPADGIAFFIANTDSSIPHGSGGRLLGLFPDAN
;
_entity_poly.pdbx_strand_id   A
#
# COMPACT_ATOMS: atom_id res chain seq x y z
N ALA A 1 -9.89 -11.91 11.96
CA ALA A 1 -9.00 -11.44 10.87
C ALA A 1 -8.85 -9.90 10.95
N ASP A 2 -7.83 -9.39 10.26
CA ASP A 2 -7.48 -7.97 10.23
C ASP A 2 -8.57 -7.18 9.51
N THR A 3 -8.58 -5.86 9.71
CA THR A 3 -9.46 -4.98 8.93
C THR A 3 -8.52 -4.20 7.99
N ILE A 4 -8.75 -4.31 6.67
CA ILE A 4 -7.80 -3.81 5.66
C ILE A 4 -8.49 -2.87 4.72
N VAL A 5 -7.92 -1.67 4.58
CA VAL A 5 -8.25 -0.75 3.53
C VAL A 5 -6.96 -0.57 2.84
N ALA A 6 -6.93 -0.76 1.50
CA ALA A 6 -5.68 -0.78 0.76
C ALA A 6 -5.81 -0.22 -0.63
N VAL A 7 -4.71 0.33 -1.13
CA VAL A 7 -4.62 0.66 -2.56
C VAL A 7 -3.58 -0.29 -3.14
N GLU A 8 -3.95 -1.13 -4.13
CA GLU A 8 -3.06 -2.13 -4.70
C GLU A 8 -2.56 -1.63 -6.06
N LEU A 9 -1.28 -1.85 -6.35
CA LEU A 9 -0.70 -1.62 -7.67
C LEU A 9 -0.48 -3.06 -8.09
N ASP A 10 -1.33 -3.55 -8.96
CA ASP A 10 -1.46 -5.01 -9.12
C ASP A 10 -0.83 -5.42 -10.44
N THR A 11 0.27 -6.16 -10.36
CA THR A 11 1.12 -6.34 -11.60
C THR A 11 0.78 -7.53 -12.48
N TYR A 12 -0.09 -8.41 -11.95
CA TYR A 12 -0.34 -9.72 -12.48
C TYR A 12 -1.84 -10.06 -12.44
N PRO A 13 -2.46 -10.27 -13.63
CA PRO A 13 -3.90 -10.47 -13.59
C PRO A 13 -4.26 -11.87 -13.09
N ASN A 14 -4.92 -11.93 -11.91
CA ASN A 14 -5.58 -13.18 -11.43
C ASN A 14 -7.10 -13.20 -11.74
N THR A 15 -7.47 -13.69 -12.93
CA THR A 15 -8.86 -13.61 -13.36
C THR A 15 -9.79 -14.46 -12.52
N ASP A 16 -9.28 -15.42 -11.78
CA ASP A 16 -10.20 -16.27 -10.99
C ASP A 16 -10.65 -15.64 -9.68
N ILE A 17 -10.01 -14.56 -9.26
CA ILE A 17 -10.41 -13.88 -8.06
C ILE A 17 -10.77 -12.42 -8.35
N GLY A 18 -11.27 -12.14 -9.54
CA GLY A 18 -11.78 -10.80 -9.85
C GLY A 18 -10.90 -9.77 -10.53
N ASP A 19 -9.59 -10.04 -10.70
CA ASP A 19 -8.74 -9.12 -11.39
C ASP A 19 -9.27 -8.89 -12.81
N PRO A 20 -9.27 -7.63 -13.32
CA PRO A 20 -9.50 -7.44 -14.77
C PRO A 20 -8.33 -8.08 -15.61
N ASN A 21 -8.54 -8.26 -16.93
CA ASN A 21 -7.49 -8.91 -17.76
C ASN A 21 -6.30 -8.02 -18.12
N TYR A 22 -5.79 -7.25 -17.16
CA TYR A 22 -4.61 -6.38 -17.39
C TYR A 22 -4.10 -5.95 -15.98
N GLN A 23 -2.83 -5.50 -15.91
CA GLN A 23 -2.25 -4.84 -14.72
C GLN A 23 -3.10 -3.61 -14.34
N HIS A 24 -3.25 -3.35 -13.06
CA HIS A 24 -4.26 -2.40 -12.70
C HIS A 24 -3.99 -1.85 -11.32
N ILE A 25 -4.46 -0.62 -11.08
CA ILE A 25 -4.49 -0.05 -9.74
C ILE A 25 -5.91 -0.31 -9.18
N GLY A 26 -6.02 -0.56 -7.88
CA GLY A 26 -7.28 -0.97 -7.33
C GLY A 26 -7.53 -0.41 -5.97
N ILE A 27 -8.79 -0.34 -5.59
CA ILE A 27 -9.17 0.05 -4.23
C ILE A 27 -9.73 -1.21 -3.58
N ASN A 28 -9.13 -1.61 -2.46
CA ASN A 28 -9.51 -2.81 -1.69
C ASN A 28 -10.12 -2.42 -0.34
N ILE A 29 -11.36 -2.84 -0.12
CA ILE A 29 -12.08 -2.59 1.11
C ILE A 29 -12.43 -3.98 1.70
N LYS A 30 -11.64 -4.45 2.65
CA LYS A 30 -11.92 -5.68 3.39
C LYS A 30 -11.89 -6.88 2.49
N SER A 31 -11.40 -6.71 1.26
CA SER A 31 -11.35 -7.78 0.29
C SER A 31 -10.28 -7.55 -0.76
N ILE A 32 -9.69 -8.66 -1.25
CA ILE A 32 -8.76 -8.57 -2.38
C ILE A 32 -9.51 -8.29 -3.69
N ARG A 33 -10.83 -8.50 -3.72
CA ARG A 33 -11.58 -8.29 -4.91
C ARG A 33 -11.90 -6.82 -4.92
N SER A 34 -11.01 -6.05 -5.56
CA SER A 34 -11.13 -4.60 -5.61
C SER A 34 -12.55 -4.09 -5.82
N LYS A 35 -12.90 -3.01 -5.13
CA LYS A 35 -14.21 -2.38 -5.37
C LYS A 35 -14.16 -1.53 -6.64
N ALA A 36 -12.98 -1.08 -7.03
CA ALA A 36 -12.82 -0.32 -8.29
C ALA A 36 -11.41 -0.55 -8.77
N THR A 37 -11.23 -0.59 -10.10
CA THR A 37 -9.91 -0.64 -10.71
C THR A 37 -9.79 0.25 -11.95
N THR A 38 -8.54 0.56 -12.30
CA THR A 38 -8.25 1.20 -13.55
C THR A 38 -7.03 0.52 -14.19
N ARG A 39 -7.15 0.31 -15.48
CA ARG A 39 -6.01 -0.11 -16.26
C ARG A 39 -4.73 0.70 -15.92
N TRP A 40 -3.64 -0.02 -15.65
CA TRP A 40 -2.32 0.62 -15.49
C TRP A 40 -1.20 -0.23 -16.11
N ASN A 41 -0.24 0.44 -16.74
CA ASN A 41 0.81 -0.27 -17.44
C ASN A 41 2.12 -0.08 -16.76
N VAL A 42 2.54 -1.16 -16.09
CA VAL A 42 3.86 -1.30 -15.49
C VAL A 42 4.92 -0.92 -16.53
N GLN A 43 5.90 -0.12 -16.14
CA GLN A 43 7.03 0.17 -17.00
C GLN A 43 8.22 -0.49 -16.35
N ASP A 44 8.63 -1.64 -16.89
CA ASP A 44 9.65 -2.47 -16.24
C ASP A 44 10.88 -1.66 -15.88
N GLY A 45 11.27 -1.71 -14.63
CA GLY A 45 12.47 -1.01 -14.25
C GLY A 45 12.47 0.51 -14.14
N LYS A 46 11.35 1.20 -14.42
CA LYS A 46 11.29 2.62 -14.10
C LYS A 46 10.77 2.93 -12.66
N VAL A 47 11.12 4.11 -12.17
CA VAL A 47 10.62 4.63 -10.90
C VAL A 47 9.22 5.20 -11.09
N GLY A 48 8.27 4.58 -10.37
CA GLY A 48 6.87 5.05 -10.34
C GLY A 48 6.60 5.81 -9.05
N THR A 49 5.53 6.59 -9.08
CA THR A 49 5.08 7.38 -7.91
C THR A 49 3.56 7.19 -7.74
N ALA A 50 3.10 6.86 -6.51
CA ALA A 50 1.68 6.65 -6.24
C ALA A 50 1.20 7.67 -5.26
N HIS A 51 0.00 8.25 -5.47
CA HIS A 51 -0.59 9.22 -4.52
C HIS A 51 -1.97 8.72 -4.08
N ILE A 52 -2.28 8.83 -2.78
CA ILE A 52 -3.52 8.30 -2.23
C ILE A 52 -4.07 9.40 -1.29
N SER A 53 -5.35 9.72 -1.40
CA SER A 53 -5.92 10.70 -0.51
C SER A 53 -7.38 10.36 -0.24
N TYR A 54 -7.89 10.94 0.84
CA TYR A 54 -9.17 10.64 1.36
C TYR A 54 -9.56 11.76 2.34
N ASN A 55 -10.80 12.18 2.32
CA ASN A 55 -11.25 12.81 3.53
C ASN A 55 -12.67 12.46 3.81
N SER A 56 -13.06 12.67 5.07
CA SER A 56 -14.22 11.99 5.61
C SER A 56 -15.53 12.76 5.29
N VAL A 57 -15.40 13.99 4.78
CA VAL A 57 -16.57 14.75 4.37
C VAL A 57 -16.88 14.33 2.97
N ALA A 58 -15.86 14.37 2.12
CA ALA A 58 -16.03 13.96 0.71
C ALA A 58 -16.30 12.46 0.59
N LYS A 59 -15.62 11.70 1.44
CA LYS A 59 -15.89 10.23 1.50
C LYS A 59 -15.55 9.58 0.15
N ARG A 60 -14.38 9.88 -0.36
CA ARG A 60 -13.98 9.34 -1.62
C ARG A 60 -12.51 9.02 -1.62
N LEU A 61 -12.17 7.74 -1.50
CA LEU A 61 -10.76 7.34 -1.53
C LEU A 61 -10.31 7.40 -2.99
N SER A 62 -9.27 8.18 -3.31
CA SER A 62 -8.71 8.16 -4.69
C SER A 62 -7.24 7.80 -4.72
N ALA A 63 -6.77 7.22 -5.84
CA ALA A 63 -5.36 6.88 -6.01
C ALA A 63 -4.90 7.13 -7.43
N ILE A 64 -3.66 7.56 -7.56
CA ILE A 64 -3.13 7.74 -8.89
C ILE A 64 -1.70 7.34 -8.93
N VAL A 65 -1.33 6.62 -9.98
CA VAL A 65 0.02 6.14 -10.15
C VAL A 65 0.53 6.68 -11.49
N SER A 66 1.77 7.18 -11.48
CA SER A 66 2.38 7.75 -12.68
C SER A 66 3.85 7.36 -12.84
N TYR A 67 4.34 7.46 -14.08
CA TYR A 67 5.74 7.36 -14.36
C TYR A 67 6.07 8.63 -15.08
N PRO A 68 7.36 9.01 -15.07
CA PRO A 68 7.89 10.24 -15.71
C PRO A 68 7.52 10.33 -17.18
N GLY A 69 7.33 11.52 -17.72
CA GLY A 69 6.96 11.68 -19.15
C GLY A 69 5.72 10.92 -19.62
N GLY A 70 5.01 10.28 -18.68
CA GLY A 70 3.97 9.30 -19.06
C GLY A 70 2.62 9.68 -18.54
N SER A 71 1.55 9.12 -19.05
CA SER A 71 0.25 9.51 -18.52
C SER A 71 -0.07 8.57 -17.36
N SER A 72 -0.94 9.03 -16.50
CA SER A 72 -1.10 8.36 -15.23
C SER A 72 -2.30 7.44 -15.31
N ALA A 73 -2.50 6.61 -14.28
CA ALA A 73 -3.74 5.87 -14.09
C ALA A 73 -4.36 6.26 -12.75
N THR A 74 -5.61 6.68 -12.72
CA THR A 74 -6.24 7.01 -11.45
C THR A 74 -7.44 6.14 -11.23
N VAL A 75 -7.80 5.96 -9.97
CA VAL A 75 -9.03 5.24 -9.58
C VAL A 75 -9.67 5.94 -8.34
N SER A 76 -10.99 5.81 -8.21
CA SER A 76 -11.69 6.37 -7.11
C SER A 76 -12.79 5.41 -6.64
N TYR A 77 -13.20 5.61 -5.39
CA TYR A 77 -14.27 4.80 -4.85
C TYR A 77 -14.90 5.51 -3.67
N ASP A 78 -16.21 5.70 -3.72
CA ASP A 78 -16.97 6.37 -2.68
C ASP A 78 -17.11 5.42 -1.51
N VAL A 79 -16.57 5.80 -0.36
CA VAL A 79 -16.54 4.92 0.83
C VAL A 79 -16.43 5.79 2.06
N ASP A 80 -17.16 5.41 3.12
CA ASP A 80 -17.03 6.06 4.40
C ASP A 80 -16.13 5.13 5.19
N LEU A 81 -14.84 5.50 5.27
CA LEU A 81 -13.84 4.69 5.96
C LEU A 81 -14.03 4.65 7.47
N ASN A 82 -14.62 5.71 8.01
CA ASN A 82 -14.78 5.81 9.46
C ASN A 82 -15.81 4.80 10.03
N ASN A 83 -16.66 4.29 9.15
CA ASN A 83 -17.56 3.18 9.51
C ASN A 83 -16.95 1.84 9.28
N ILE A 84 -15.68 1.83 8.90
CA ILE A 84 -15.02 0.57 8.51
C ILE A 84 -13.80 0.35 9.36
N LEU A 85 -12.99 1.37 9.48
CA LEU A 85 -11.75 1.25 10.19
C LEU A 85 -12.01 1.50 11.65
N PRO A 86 -11.13 1.00 12.53
CA PRO A 86 -11.20 1.38 13.92
C PRO A 86 -10.65 2.80 14.10
N GLU A 87 -10.81 3.34 15.30
CA GLU A 87 -10.40 4.69 15.65
C GLU A 87 -8.88 4.85 15.52
N TRP A 88 -8.17 3.74 15.75
CA TRP A 88 -6.71 3.74 15.72
C TRP A 88 -6.24 2.68 14.80
N VAL A 89 -5.37 3.08 13.92
CA VAL A 89 -4.88 2.17 12.89
C VAL A 89 -3.35 2.27 12.80
N ARG A 90 -2.75 1.34 12.05
CA ARG A 90 -1.41 1.58 11.50
C ARG A 90 -1.53 1.64 9.99
N VAL A 91 -0.55 2.31 9.36
CA VAL A 91 -0.46 2.40 7.91
C VAL A 91 0.83 1.74 7.44
N GLY A 92 0.79 1.22 6.23
CA GLY A 92 1.96 0.56 5.68
C GLY A 92 1.99 0.28 4.19
N LEU A 93 3.09 -0.31 3.75
CA LEU A 93 3.14 -0.85 2.43
C LEU A 93 3.35 -2.35 2.51
N SER A 94 2.79 -3.10 1.57
CA SER A 94 3.22 -4.48 1.38
C SER A 94 3.35 -4.87 -0.04
N ALA A 95 4.00 -6.01 -0.20
CA ALA A 95 4.28 -6.52 -1.51
C ALA A 95 4.47 -8.04 -1.41
N SER A 96 4.33 -8.71 -2.55
CA SER A 96 4.47 -10.14 -2.64
C SER A 96 4.88 -10.50 -4.02
N THR A 97 5.36 -11.75 -4.12
CA THR A 97 5.67 -12.39 -5.40
C THR A 97 5.05 -13.78 -5.22
N GLY A 98 5.01 -14.54 -6.33
CA GLY A 98 4.50 -15.92 -6.31
C GLY A 98 5.37 -16.74 -7.23
N VAL A 99 4.75 -17.29 -8.27
CA VAL A 99 5.46 -18.13 -9.23
C VAL A 99 6.16 -17.14 -10.13
N TYR A 100 5.51 -16.01 -10.42
CA TYR A 100 6.16 -14.88 -11.04
C TYR A 100 6.70 -13.91 -9.98
N LYS A 101 7.61 -13.06 -10.40
CA LYS A 101 8.38 -12.27 -9.47
C LYS A 101 8.79 -10.89 -10.02
N GLU A 102 9.25 -10.01 -9.13
CA GLU A 102 9.65 -8.66 -9.41
C GLU A 102 10.39 -8.06 -8.18
N THR A 103 11.12 -6.98 -8.39
CA THR A 103 11.56 -6.20 -7.22
C THR A 103 10.31 -5.41 -6.80
N ASN A 104 10.08 -5.41 -5.50
CA ASN A 104 9.15 -4.51 -4.84
C ASN A 104 9.89 -3.48 -3.95
N THR A 105 10.63 -2.62 -4.63
CA THR A 105 11.48 -1.63 -3.99
C THR A 105 10.70 -0.37 -3.76
N ILE A 106 10.70 0.13 -2.52
CA ILE A 106 10.18 1.47 -2.20
C ILE A 106 11.36 2.43 -2.10
N LEU A 107 11.33 3.54 -2.84
CA LEU A 107 12.40 4.55 -2.78
C LEU A 107 12.06 5.63 -1.79
N SER A 108 10.77 5.89 -1.59
CA SER A 108 10.43 6.88 -0.64
C SER A 108 8.98 6.70 -0.28
N TRP A 109 8.58 7.28 0.86
CA TRP A 109 7.26 7.13 1.37
C TRP A 109 6.95 8.28 2.26
N SER A 110 5.87 9.01 1.99
CA SER A 110 5.34 9.92 2.99
C SER A 110 3.82 9.75 3.26
N PHE A 111 3.41 10.13 4.47
CA PHE A 111 2.06 10.00 4.91
C PHE A 111 1.67 11.19 5.74
N THR A 112 0.42 11.57 5.64
CA THR A 112 -0.12 12.64 6.48
C THR A 112 -1.51 12.20 6.95
N SER A 113 -1.80 12.40 8.23
CA SER A 113 -3.13 12.17 8.76
C SER A 113 -3.51 13.42 9.54
N LYS A 114 -4.78 13.83 9.43
CA LYS A 114 -5.30 14.96 10.20
C LYS A 114 -6.71 14.65 10.78
N LEU A 115 -6.92 14.98 12.03
CA LEU A 115 -8.20 14.85 12.67
C LEU A 115 -8.55 16.24 13.21
N LYS A 116 -9.71 16.78 12.82
CA LYS A 116 -10.16 18.07 13.32
C LYS A 116 -11.49 17.92 14.07
N THR A 117 -11.43 18.06 15.41
CA THR A 117 -12.62 18.01 16.28
C THR A 117 -13.27 19.40 16.46
N ASN A 118 -14.52 19.37 16.90
CA ASN A 118 -15.33 20.59 16.98
C ASN A 118 -14.76 21.87 17.66
N SER A 119 -13.86 21.70 18.64
CA SER A 119 -13.62 22.73 19.69
C SER A 119 -12.56 23.89 19.64
N THR A 120 -12.37 24.64 18.53
CA THR A 120 -11.98 24.24 17.16
C THR A 120 -10.47 23.95 17.14
N ALA A 121 -10.07 22.84 17.75
CA ALA A 121 -8.66 22.46 17.65
C ALA A 121 -8.27 22.14 16.19
N ASP A 122 -7.01 22.43 15.82
CA ASP A 122 -6.39 21.65 14.76
C ASP A 122 -6.00 20.31 15.51
N ALA A 123 -6.95 19.43 15.80
CA ALA A 123 -6.89 18.51 16.95
C ALA A 123 -5.82 17.43 17.15
N GLN A 124 -5.35 16.82 16.09
CA GLN A 124 -4.30 15.84 16.17
C GLN A 124 -3.82 15.58 14.76
N SER A 125 -2.52 15.44 14.58
CA SER A 125 -1.92 15.22 13.28
C SER A 125 -0.60 14.47 13.30
N LEU A 126 -0.30 13.80 12.20
CA LEU A 126 0.92 13.03 12.02
C LEU A 126 1.34 13.30 10.59
N HIS A 127 2.61 13.63 10.40
CA HIS A 127 3.21 13.58 9.07
C HIS A 127 4.56 12.89 9.12
N PHE A 128 4.75 11.80 8.38
CA PHE A 128 6.12 11.28 8.21
C PHE A 128 6.60 11.25 6.74
N THR A 129 7.90 11.41 6.54
CA THR A 129 8.49 11.27 5.22
C THR A 129 9.74 10.43 5.32
N PHE A 130 9.95 9.55 4.36
CA PHE A 130 11.20 8.92 4.16
C PHE A 130 11.55 9.09 2.68
N ASN A 131 12.75 9.61 2.39
CA ASN A 131 13.31 9.61 1.01
C ASN A 131 14.51 8.70 0.90
N GLN A 132 14.96 8.18 2.04
CA GLN A 132 15.55 6.84 2.00
C GLN A 132 15.42 6.18 3.35
N PHE A 133 15.85 4.92 3.42
CA PHE A 133 15.63 4.16 4.63
C PHE A 133 16.93 3.78 5.23
N SER A 134 16.97 4.01 6.54
CA SER A 134 18.05 3.64 7.42
C SER A 134 18.24 2.14 7.39
N GLN A 135 19.49 1.70 7.40
CA GLN A 135 19.79 0.26 7.42
C GLN A 135 19.16 -0.47 8.61
N SER A 136 18.77 0.30 9.62
CA SER A 136 18.13 -0.29 10.77
C SER A 136 17.01 0.61 11.26
N PRO A 137 15.88 0.63 10.51
CA PRO A 137 14.84 1.67 10.73
C PRO A 137 14.01 1.36 11.97
N LYS A 138 14.32 2.02 13.09
CA LYS A 138 13.66 1.74 14.36
C LYS A 138 12.21 2.24 14.44
N ASP A 139 11.81 3.06 13.49
CA ASP A 139 10.43 3.59 13.45
C ASP A 139 9.58 2.86 12.41
N LEU A 140 10.03 1.68 12.00
CA LEU A 140 9.27 0.87 11.06
C LEU A 140 9.13 -0.55 11.60
N ILE A 141 7.95 -1.11 11.49
CA ILE A 141 7.77 -2.47 11.89
C ILE A 141 7.94 -3.23 10.61
N LEU A 142 9.01 -4.01 10.54
CA LEU A 142 9.31 -4.83 9.38
C LEU A 142 8.77 -6.24 9.53
N GLN A 143 7.94 -6.64 8.56
CA GLN A 143 7.28 -7.93 8.60
C GLN A 143 7.75 -8.81 7.47
N GLY A 144 7.83 -10.12 7.72
CA GLY A 144 8.08 -11.11 6.67
C GLY A 144 9.43 -10.83 6.04
N ASP A 145 9.50 -10.69 4.72
CA ASP A 145 10.81 -10.57 4.03
C ASP A 145 11.31 -9.14 3.84
N ALA A 146 10.55 -8.17 4.33
CA ALA A 146 10.93 -6.76 4.20
C ALA A 146 12.27 -6.42 4.87
N SER A 147 13.11 -5.68 4.16
CA SER A 147 14.40 -5.23 4.70
C SER A 147 14.82 -4.00 3.89
N THR A 148 15.74 -3.24 4.47
CA THR A 148 16.36 -2.14 3.73
C THR A 148 17.74 -2.56 3.22
N ASP A 149 18.04 -2.20 1.96
CA ASP A 149 19.33 -2.55 1.35
C ASP A 149 20.34 -1.42 1.52
N SER A 150 21.57 -1.65 1.07
CA SER A 150 22.64 -0.71 1.35
C SER A 150 22.68 0.47 0.39
N ASP A 151 21.69 0.61 -0.50
CA ASP A 151 21.42 1.92 -1.15
C ASP A 151 20.33 2.70 -0.37
N GLY A 152 19.83 2.13 0.72
CA GLY A 152 18.80 2.76 1.53
C GLY A 152 17.42 2.74 0.88
N ASN A 153 17.20 1.73 0.04
CA ASN A 153 15.91 1.37 -0.51
C ASN A 153 15.19 0.47 0.51
N LEU A 154 13.88 0.50 0.51
CA LEU A 154 13.15 -0.50 1.28
C LEU A 154 12.76 -1.64 0.31
N GLN A 155 13.40 -2.79 0.46
CA GLN A 155 13.01 -3.98 -0.31
C GLN A 155 11.93 -4.80 0.40
N LEU A 156 10.69 -4.58 -0.01
CA LEU A 156 9.55 -5.25 0.58
C LEU A 156 9.58 -6.78 0.37
N THR A 157 9.98 -7.24 -0.84
CA THR A 157 10.22 -8.67 -1.12
C THR A 157 11.69 -9.04 -1.34
N ARG A 158 11.99 -10.35 -1.26
CA ARG A 158 13.40 -10.81 -1.36
C ARG A 158 14.02 -10.49 -2.70
N VAL A 159 15.21 -9.95 -2.61
CA VAL A 159 16.10 -9.88 -3.74
C VAL A 159 17.46 -10.41 -3.21
N SER A 160 17.92 -11.52 -3.84
CA SER A 160 19.30 -12.00 -3.74
C SER A 160 20.05 -11.56 -5.00
N ASN A 161 20.79 -10.45 -4.83
CA ASN A 161 21.86 -10.00 -5.69
C ASN A 161 21.45 -9.56 -7.10
N GLY A 162 20.55 -8.58 -7.12
CA GLY A 162 19.94 -8.03 -8.32
C GLY A 162 18.65 -8.76 -8.60
N SER A 163 18.59 -10.02 -8.17
CA SER A 163 17.53 -10.93 -8.59
C SER A 163 16.35 -11.17 -7.61
N PRO A 164 15.14 -10.71 -7.99
CA PRO A 164 13.94 -10.88 -7.16
C PRO A 164 13.56 -12.33 -7.00
N GLN A 165 13.08 -12.70 -5.81
CA GLN A 165 12.78 -14.10 -5.50
C GLN A 165 11.28 -14.38 -5.51
N SER A 166 10.93 -15.61 -5.90
CA SER A 166 9.57 -16.02 -6.03
C SER A 166 9.03 -16.43 -4.64
N ASN A 167 7.70 -16.42 -4.48
CA ASN A 167 7.01 -16.73 -3.22
C ASN A 167 7.52 -15.96 -2.01
N SER A 168 7.66 -14.65 -2.17
CA SER A 168 8.14 -13.80 -1.08
C SER A 168 7.03 -12.85 -0.71
N VAL A 169 7.01 -12.48 0.56
CA VAL A 169 6.04 -11.55 1.09
C VAL A 169 6.75 -10.61 2.08
N GLY A 170 6.39 -9.30 2.07
CA GLY A 170 6.91 -8.36 3.06
C GLY A 170 6.11 -7.07 3.24
N ARG A 171 6.21 -6.51 4.45
CA ARG A 171 5.42 -5.33 4.84
C ARG A 171 6.21 -4.49 5.83
N ALA A 172 6.01 -3.18 5.70
CA ALA A 172 6.57 -2.19 6.59
C ALA A 172 5.43 -1.32 7.11
N LEU A 173 5.26 -1.26 8.43
CA LEU A 173 4.26 -0.35 8.99
C LEU A 173 4.98 0.73 9.75
N TYR A 174 4.45 1.97 9.72
CA TYR A 174 5.00 3.07 10.51
C TYR A 174 4.81 2.75 12.01
N TYR A 175 5.76 3.07 12.86
CA TYR A 175 5.77 2.54 14.23
C TYR A 175 4.59 3.10 15.08
N ALA A 176 4.16 4.33 14.81
CA ALA A 176 3.09 4.93 15.61
C ALA A 176 1.65 4.65 15.10
N PRO A 177 0.75 4.26 16.01
CA PRO A 177 -0.66 4.30 15.76
C PRO A 177 -1.10 5.69 15.26
N VAL A 178 -2.07 5.72 14.35
CA VAL A 178 -2.66 6.95 13.82
C VAL A 178 -4.08 7.02 14.35
N HIS A 179 -4.48 8.22 14.74
CA HIS A 179 -5.81 8.41 15.26
C HIS A 179 -6.66 8.96 14.13
N VAL A 180 -7.54 8.11 13.59
CA VAL A 180 -8.30 8.43 12.37
C VAL A 180 -9.74 8.86 12.51
N TRP A 181 -10.32 8.65 13.66
CA TRP A 181 -11.63 9.22 13.95
C TRP A 181 -11.66 9.42 15.42
N ASP A 182 -12.62 10.21 15.89
CA ASP A 182 -12.86 10.47 17.31
C ASP A 182 -14.38 10.64 17.48
N LYS A 183 -14.88 10.75 18.71
CA LYS A 183 -16.32 10.93 18.95
C LYS A 183 -16.74 12.37 18.60
N SER A 184 -15.93 13.33 19.02
CA SER A 184 -16.16 14.74 18.75
C SER A 184 -15.52 15.18 17.44
N ALA A 185 -15.38 14.24 16.50
CA ALA A 185 -14.62 14.48 15.26
C ALA A 185 -15.47 15.19 14.19
N VAL A 186 -14.91 16.21 13.57
CA VAL A 186 -15.61 16.96 12.51
C VAL A 186 -15.19 16.50 11.08
N VAL A 187 -13.87 16.41 10.84
CA VAL A 187 -13.33 15.92 9.59
C VAL A 187 -11.99 15.24 9.82
N ALA A 188 -11.80 14.07 9.22
CA ALA A 188 -10.49 13.36 9.24
C ALA A 188 -10.01 13.15 7.80
N SER A 189 -8.71 13.32 7.55
CA SER A 189 -8.16 13.17 6.24
C SER A 189 -6.82 12.44 6.28
N PHE A 190 -6.40 11.88 5.15
CA PHE A 190 -5.03 11.43 5.04
C PHE A 190 -4.62 11.52 3.58
N ASP A 191 -3.28 11.56 3.32
CA ASP A 191 -2.66 11.60 2.04
C ASP A 191 -1.35 10.84 2.23
N ALA A 192 -1.05 9.93 1.29
CA ALA A 192 0.20 9.20 1.29
C ALA A 192 0.81 9.30 -0.12
N THR A 193 2.13 9.32 -0.20
CA THR A 193 2.85 9.23 -1.47
C THR A 193 3.89 8.18 -1.29
N PHE A 194 4.12 7.37 -2.31
CA PHE A 194 5.33 6.52 -2.29
C PHE A 194 5.86 6.37 -3.70
N THR A 195 7.19 6.22 -3.82
CA THR A 195 7.82 5.99 -5.11
C THR A 195 8.39 4.59 -5.06
N PHE A 196 8.35 3.88 -6.18
CA PHE A 196 8.61 2.46 -6.15
C PHE A 196 9.30 2.09 -7.45
N LEU A 197 9.98 0.95 -7.42
CA LEU A 197 10.71 0.44 -8.54
C LEU A 197 10.42 -1.07 -8.66
N ILE A 198 9.64 -1.43 -9.68
CA ILE A 198 9.24 -2.78 -10.01
C ILE A 198 10.04 -3.21 -11.27
N LYS A 199 10.82 -4.28 -11.14
CA LYS A 199 11.66 -4.83 -12.24
C LYS A 199 11.50 -6.33 -12.22
N SER A 200 11.44 -6.93 -13.41
CA SER A 200 11.51 -8.38 -13.57
C SER A 200 12.37 -8.81 -14.77
N PRO A 201 13.13 -9.91 -14.62
CA PRO A 201 13.75 -10.46 -15.85
C PRO A 201 12.72 -11.27 -16.71
N ASP A 202 11.67 -11.83 -16.08
CA ASP A 202 10.60 -12.53 -16.81
C ASP A 202 9.84 -11.53 -17.68
N SER A 203 9.22 -12.03 -18.76
CA SER A 203 8.27 -11.22 -19.57
C SER A 203 7.09 -10.74 -18.70
N ASP A 204 6.75 -11.55 -17.69
CA ASP A 204 5.61 -11.27 -16.83
C ASP A 204 5.99 -11.09 -15.34
N PRO A 205 5.82 -9.84 -14.83
CA PRO A 205 6.00 -9.57 -13.41
C PRO A 205 4.83 -10.07 -12.55
N ALA A 206 5.10 -10.31 -11.25
CA ALA A 206 4.08 -10.50 -10.20
C ALA A 206 4.66 -10.21 -8.78
N ASP A 207 3.84 -9.90 -7.76
CA ASP A 207 2.40 -9.72 -7.84
C ASP A 207 1.93 -8.27 -7.69
N GLY A 208 2.71 -7.42 -7.04
CA GLY A 208 2.26 -6.05 -6.81
C GLY A 208 2.74 -5.44 -5.51
N ILE A 209 2.38 -4.17 -5.33
CA ILE A 209 2.64 -3.39 -4.11
C ILE A 209 1.32 -2.75 -3.69
N ALA A 210 1.11 -2.67 -2.37
CA ALA A 210 -0.08 -2.03 -1.84
C ALA A 210 0.27 -1.06 -0.71
N PHE A 211 -0.47 0.05 -0.64
CA PHE A 211 -0.50 0.86 0.55
C PHE A 211 -1.74 0.47 1.34
N PHE A 212 -1.65 0.40 2.64
CA PHE A 212 -2.75 -0.13 3.41
C PHE A 212 -2.81 0.41 4.81
N ILE A 213 -4.02 0.37 5.34
CA ILE A 213 -4.39 0.89 6.63
C ILE A 213 -5.11 -0.30 7.32
N ALA A 214 -4.78 -0.55 8.58
CA ALA A 214 -5.22 -1.77 9.24
C ALA A 214 -5.31 -1.52 10.74
N ASN A 215 -5.97 -2.46 11.47
CA ASN A 215 -5.87 -2.49 12.94
C ASN A 215 -4.41 -2.33 13.28
N THR A 216 -4.12 -1.72 14.41
CA THR A 216 -2.76 -1.46 14.82
C THR A 216 -1.93 -2.73 14.92
N ASP A 217 -2.55 -3.86 15.27
CA ASP A 217 -1.79 -5.10 15.53
C ASP A 217 -1.82 -6.07 14.34
N SER A 218 -2.20 -5.55 13.17
CA SER A 218 -2.16 -6.29 11.91
C SER A 218 -0.79 -6.91 11.67
N SER A 219 -0.76 -8.15 11.20
CA SER A 219 0.46 -8.81 10.80
C SER A 219 0.11 -9.52 9.51
N ILE A 220 1.14 -10.03 8.81
CA ILE A 220 0.97 -10.82 7.58
C ILE A 220 0.05 -12.06 7.84
N PRO A 221 -1.15 -12.13 7.17
CA PRO A 221 -1.98 -13.32 7.40
C PRO A 221 -1.42 -14.62 6.76
N HIS A 222 -1.71 -15.76 7.40
CA HIS A 222 -1.30 -17.05 6.87
C HIS A 222 -1.92 -17.18 5.51
N GLY A 223 -1.16 -17.63 4.52
CA GLY A 223 -1.74 -17.94 3.23
C GLY A 223 -1.94 -16.71 2.35
N SER A 224 -1.27 -15.62 2.69
CA SER A 224 -1.48 -14.36 1.96
C SER A 224 -0.49 -14.04 0.86
N GLY A 225 0.32 -15.03 0.44
CA GLY A 225 1.31 -14.82 -0.59
C GLY A 225 0.73 -14.57 -1.99
N GLY A 226 1.63 -14.34 -2.94
CA GLY A 226 1.29 -14.11 -4.33
C GLY A 226 0.15 -13.16 -4.46
N ARG A 227 -0.86 -13.59 -5.21
CA ARG A 227 -2.04 -12.74 -5.54
C ARG A 227 -2.68 -11.97 -4.37
N LEU A 228 -2.57 -12.47 -3.14
CA LEU A 228 -3.28 -11.81 -2.01
C LEU A 228 -2.46 -10.71 -1.35
N LEU A 229 -1.28 -10.48 -1.91
CA LEU A 229 -0.50 -9.27 -1.68
C LEU A 229 -0.05 -9.09 -0.21
N GLY A 230 0.00 -10.16 0.59
CA GLY A 230 0.28 -10.02 2.03
C GLY A 230 -0.76 -9.23 2.81
N LEU A 231 -1.94 -9.03 2.21
CA LEU A 231 -3.01 -8.28 2.85
C LEU A 231 -4.13 -9.14 3.42
N PHE A 232 -4.43 -10.27 2.75
CA PHE A 232 -5.61 -11.07 3.10
C PHE A 232 -5.29 -12.57 3.30
N PRO A 233 -6.07 -13.26 4.16
CA PRO A 233 -5.87 -14.74 4.39
C PRO A 233 -6.58 -15.58 3.30
N ASP A 234 -7.41 -14.93 2.48
CA ASP A 234 -8.12 -15.61 1.46
C ASP A 234 -8.66 -14.59 0.49
N ALA A 235 -9.48 -15.07 -0.42
CA ALA A 235 -9.80 -14.33 -1.60
C ALA A 235 -11.24 -13.86 -1.60
N ASN A 236 -11.94 -13.99 -0.48
CA ASN A 236 -13.37 -13.64 -0.39
C ASN A 236 -13.61 -12.15 -0.65
#